data_6KNR
#
_entry.id   6KNR
#
_cell.length_a   119.916
_cell.length_b   119.916
_cell.length_c   125.981
_cell.angle_alpha   90.00
_cell.angle_beta   90.00
_cell.angle_gamma   90.00
#
_symmetry.space_group_name_H-M   'P 43 21 2'
#
loop_
_entity.id
_entity.type
_entity.pdbx_description
1 polymer 'Estrogen-related receptor gamma'
2 non-polymer (E)-4-(1-(4-(1-cyclopropylpiperidin-4-yl)phenyl)-5-hydroxy-2-phenylpent-1-en-1-yl)phenol
3 water water
#
_entity_poly.entity_id   1
_entity_poly.type   'polypeptide(L)'
_entity_poly.pdbx_seq_one_letter_code
;GPLGSMLNPQLVQPAKKPYNKIVSHLLVAEPEKIYAMPDPTVPDSDIKALTTLCDLADRELVVIIGWAKHIPGFSTLSLA
DQMSLLQSAWMEILILGVVYRSLSFEDELVYADDYIMDEDQSKLAGLLDLNNAILQLVKKYKSMKLEKEEFVTLKAIALA
NSDSMHIEDVEAVQKLQDVLHEALQDYEAGQHMEDPRRAGKMLMTLPLLRQTSTKAVQHFYNIKLEGKVPMHKLFLEMLE
AKV
;
_entity_poly.pdbx_strand_id   A,B
#
# COMPACT_ATOMS: atom_id res chain seq x y z
N ASN A 20 8.70 -23.86 13.60
CA ASN A 20 8.70 -22.46 14.07
C ASN A 20 7.74 -22.15 15.22
N LYS A 21 8.29 -21.75 16.38
CA LYS A 21 7.47 -21.44 17.54
C LYS A 21 6.35 -20.46 17.16
N ILE A 22 6.69 -19.35 16.50
CA ILE A 22 5.71 -18.29 16.31
C ILE A 22 4.67 -18.70 15.26
N VAL A 23 5.14 -19.23 14.13
CA VAL A 23 4.20 -19.74 13.14
C VAL A 23 3.26 -20.75 13.75
N SER A 24 3.79 -21.62 14.62
CA SER A 24 3.00 -22.70 15.20
C SER A 24 1.90 -22.16 16.10
N HIS A 25 2.24 -21.23 17.00
CA HIS A 25 1.21 -20.66 17.86
C HIS A 25 0.19 -19.86 17.06
N LEU A 26 0.61 -19.20 15.97
CA LEU A 26 -0.36 -18.49 15.15
C LEU A 26 -1.33 -19.46 14.46
N LEU A 27 -0.82 -20.59 13.97
CA LEU A 27 -1.73 -21.61 13.42
C LEU A 27 -2.78 -22.03 14.45
N VAL A 28 -2.38 -22.22 15.69
CA VAL A 28 -3.31 -22.67 16.72
C VAL A 28 -4.30 -21.57 17.11
N ALA A 29 -3.86 -20.30 17.09
CA ALA A 29 -4.72 -19.19 17.46
C ALA A 29 -5.71 -18.80 16.37
N GLU A 30 -5.61 -19.40 15.18
CA GLU A 30 -6.56 -19.15 14.10
C GLU A 30 -7.99 -19.32 14.60
N PRO A 31 -8.86 -18.33 14.39
CA PRO A 31 -10.24 -18.43 14.89
C PRO A 31 -11.10 -19.45 14.15
N GLU A 32 -12.10 -19.97 14.86
CA GLU A 32 -13.07 -20.89 14.29
C GLU A 32 -13.99 -20.17 13.30
N LYS A 33 -14.60 -20.96 12.41
CA LYS A 33 -15.48 -20.39 11.39
C LYS A 33 -16.55 -19.50 12.02
N ILE A 34 -16.88 -18.42 11.30
CA ILE A 34 -17.98 -17.53 11.64
C ILE A 34 -18.96 -17.56 10.49
N TYR A 35 -20.26 -17.51 10.79
CA TYR A 35 -21.29 -17.61 9.76
C TYR A 35 -22.06 -16.30 9.61
N ALA A 36 -22.39 -15.96 8.37
CA ALA A 36 -23.14 -14.74 8.10
C ALA A 36 -24.59 -14.84 8.56
N MET A 37 -25.15 -16.05 8.64
CA MET A 37 -26.53 -16.29 9.05
C MET A 37 -27.50 -15.44 8.23
N PRO A 38 -27.43 -15.52 6.90
CA PRO A 38 -28.37 -14.72 6.09
C PRO A 38 -29.75 -15.36 6.11
N ASP A 39 -30.76 -14.50 6.08
CA ASP A 39 -32.14 -14.90 6.32
C ASP A 39 -32.94 -14.90 5.03
N PRO A 40 -33.43 -16.06 4.56
CA PRO A 40 -34.10 -16.10 3.26
C PRO A 40 -35.50 -15.50 3.27
N THR A 41 -35.99 -15.03 4.42
CA THR A 41 -37.31 -14.38 4.43
C THR A 41 -37.22 -12.88 4.25
N VAL A 42 -36.03 -12.30 4.31
CA VAL A 42 -35.85 -10.89 3.95
C VAL A 42 -35.58 -10.88 2.45
N PRO A 43 -36.36 -10.12 1.67
CA PRO A 43 -36.11 -10.07 0.23
C PRO A 43 -34.72 -9.53 -0.06
N ASP A 44 -34.08 -10.07 -1.09
CA ASP A 44 -32.74 -9.66 -1.46
C ASP A 44 -32.72 -8.19 -1.89
N SER A 45 -31.58 -7.55 -1.67
CA SER A 45 -31.42 -6.13 -1.96
C SER A 45 -29.98 -5.77 -1.65
N ASP A 46 -29.54 -4.62 -2.16
CA ASP A 46 -28.24 -4.09 -1.75
C ASP A 46 -28.21 -3.78 -0.27
N ILE A 47 -29.36 -3.44 0.33
CA ILE A 47 -29.40 -3.13 1.75
C ILE A 47 -29.26 -4.41 2.59
N LYS A 48 -29.97 -5.48 2.17
CA LYS A 48 -29.83 -6.73 2.90
C LYS A 48 -28.40 -7.22 2.85
N ALA A 49 -27.79 -7.20 1.66
CA ALA A 49 -26.41 -7.66 1.53
C ALA A 49 -25.47 -6.83 2.42
N LEU A 50 -25.63 -5.51 2.43
CA LEU A 50 -24.66 -4.70 3.16
C LEU A 50 -24.85 -4.80 4.67
N THR A 51 -26.09 -4.82 5.18
CA THR A 51 -26.23 -4.98 6.63
C THR A 51 -25.82 -6.37 7.06
N THR A 52 -25.96 -7.38 6.19
CA THR A 52 -25.43 -8.69 6.50
C THR A 52 -23.91 -8.65 6.64
N LEU A 53 -23.23 -7.95 5.71
CA LEU A 53 -21.80 -7.80 5.83
C LEU A 53 -21.40 -7.01 7.08
N CYS A 54 -22.22 -6.05 7.52
CA CYS A 54 -21.83 -5.29 8.72
C CYS A 54 -21.92 -6.16 9.96
N ASP A 55 -23.00 -6.93 10.11
CA ASP A 55 -23.08 -7.79 11.29
C ASP A 55 -21.96 -8.81 11.28
N LEU A 56 -21.74 -9.46 10.14
CA LEU A 56 -20.62 -10.38 9.99
C LEU A 56 -19.31 -9.74 10.47
N ALA A 57 -19.00 -8.54 9.99
CA ALA A 57 -17.70 -7.94 10.26
C ALA A 57 -17.55 -7.56 11.73
N ASP A 58 -18.63 -7.13 12.38
CA ASP A 58 -18.51 -6.78 13.79
C ASP A 58 -18.26 -8.01 14.65
N ARG A 59 -18.87 -9.15 14.29
CA ARG A 59 -18.54 -10.37 15.02
C ARG A 59 -17.09 -10.77 14.79
N GLU A 60 -16.58 -10.56 13.56
CA GLU A 60 -15.17 -10.85 13.29
C GLU A 60 -14.25 -9.90 14.03
N LEU A 61 -14.61 -8.61 14.10
CA LEU A 61 -13.78 -7.68 14.86
C LEU A 61 -13.65 -8.10 16.32
N VAL A 62 -14.73 -8.63 16.91
CA VAL A 62 -14.64 -9.13 18.27
C VAL A 62 -13.65 -10.29 18.34
N VAL A 63 -13.67 -11.18 17.33
CA VAL A 63 -12.75 -12.30 17.32
C VAL A 63 -11.31 -11.83 17.18
N ILE A 64 -11.11 -10.74 16.43
CA ILE A 64 -9.76 -10.24 16.17
C ILE A 64 -9.09 -9.79 17.45
N ILE A 65 -9.86 -9.21 18.37
CA ILE A 65 -9.23 -8.72 19.60
C ILE A 65 -8.71 -9.90 20.42
N GLY A 66 -9.50 -10.97 20.53
CA GLY A 66 -9.02 -12.14 21.21
C GLY A 66 -7.85 -12.77 20.48
N TRP A 67 -7.91 -12.78 19.16
CA TRP A 67 -6.82 -13.33 18.36
C TRP A 67 -5.53 -12.56 18.59
N ALA A 68 -5.59 -11.23 18.55
CA ALA A 68 -4.38 -10.44 18.62
C ALA A 68 -3.60 -10.67 19.91
N LYS A 69 -4.25 -11.10 21.00
CA LYS A 69 -3.45 -11.28 22.19
C LYS A 69 -2.58 -12.54 22.13
N HIS A 70 -2.65 -13.31 21.05
CA HIS A 70 -1.74 -14.41 20.79
C HIS A 70 -0.55 -14.02 19.93
N ILE A 71 -0.47 -12.77 19.50
CA ILE A 71 0.65 -12.30 18.69
C ILE A 71 1.77 -11.91 19.64
N PRO A 72 2.94 -12.54 19.58
CA PRO A 72 3.96 -12.31 20.61
C PRO A 72 4.41 -10.87 20.60
N GLY A 73 4.31 -10.23 21.77
CA GLY A 73 4.65 -8.85 21.93
C GLY A 73 3.47 -7.90 21.87
N PHE A 74 2.38 -8.27 21.20
CA PHE A 74 1.30 -7.31 21.01
C PHE A 74 0.69 -6.90 22.34
N SER A 75 0.43 -7.85 23.21
CA SER A 75 -0.33 -7.52 24.41
C SER A 75 0.49 -6.76 25.45
N THR A 76 1.79 -6.59 25.27
CA THR A 76 2.58 -5.80 26.20
C THR A 76 2.76 -4.35 25.75
N LEU A 77 2.29 -3.98 24.56
CA LEU A 77 2.19 -2.58 24.21
C LEU A 77 1.13 -1.86 25.06
N SER A 78 1.31 -0.56 25.20
CA SER A 78 0.33 0.28 25.89
C SER A 78 -1.08 0.08 25.31
N LEU A 79 -2.08 0.41 26.12
CA LEU A 79 -3.46 0.43 25.63
C LEU A 79 -3.56 1.30 24.37
N ALA A 80 -3.01 2.52 24.42
CA ALA A 80 -3.15 3.41 23.28
C ALA A 80 -2.41 2.86 22.06
N ASP A 81 -1.28 2.22 22.26
CA ASP A 81 -0.60 1.68 21.08
C ASP A 81 -1.36 0.50 20.50
N GLN A 82 -1.91 -0.39 21.35
CA GLN A 82 -2.73 -1.49 20.82
C GLN A 82 -3.92 -0.97 20.03
N MET A 83 -4.59 0.06 20.54
CA MET A 83 -5.72 0.66 19.83
C MET A 83 -5.29 1.22 18.48
N SER A 84 -4.10 1.86 18.49
CA SER A 84 -3.53 2.50 17.31
C SER A 84 -3.28 1.51 16.21
N LEU A 85 -2.55 0.43 16.49
CA LEU A 85 -2.27 -0.64 15.56
C LEU A 85 -3.54 -1.25 15.04
N LEU A 86 -4.51 -1.54 15.92
CA LEU A 86 -5.75 -2.17 15.46
C LEU A 86 -6.61 -1.21 14.65
N GLN A 87 -6.56 0.09 14.97
CA GLN A 87 -7.35 1.06 14.20
C GLN A 87 -6.86 1.16 12.75
N SER A 88 -5.56 1.04 12.54
CA SER A 88 -5.05 1.13 11.18
C SER A 88 -5.13 -0.20 10.42
N ALA A 89 -5.27 -1.35 11.11
CA ALA A 89 -5.10 -2.62 10.44
C ALA A 89 -6.35 -3.47 10.31
N TRP A 90 -7.49 -3.05 10.90
CA TRP A 90 -8.58 -4.02 11.01
C TRP A 90 -9.16 -4.38 9.65
N MET A 91 -9.27 -3.42 8.74
CA MET A 91 -9.80 -3.74 7.43
C MET A 91 -8.81 -4.61 6.64
N GLU A 92 -7.50 -4.36 6.79
CA GLU A 92 -6.52 -5.24 6.16
C GLU A 92 -6.68 -6.68 6.65
N ILE A 93 -6.89 -6.85 7.94
CA ILE A 93 -7.07 -8.18 8.50
C ILE A 93 -8.36 -8.82 8.00
N LEU A 94 -9.46 -8.05 7.98
CA LEU A 94 -10.71 -8.61 7.48
C LEU A 94 -10.59 -9.06 6.04
N ILE A 95 -10.05 -8.20 5.18
CA ILE A 95 -9.98 -8.51 3.75
C ILE A 95 -9.06 -9.69 3.51
N LEU A 96 -7.92 -9.73 4.22
CA LEU A 96 -7.03 -10.86 4.04
C LEU A 96 -7.72 -12.18 4.39
N GLY A 97 -8.61 -12.18 5.38
CA GLY A 97 -9.39 -13.38 5.65
C GLY A 97 -10.29 -13.78 4.50
N VAL A 98 -11.01 -12.82 3.92
CA VAL A 98 -11.82 -13.12 2.75
C VAL A 98 -10.94 -13.64 1.62
N VAL A 99 -9.81 -12.98 1.39
CA VAL A 99 -8.92 -13.44 0.34
C VAL A 99 -8.63 -14.92 0.54
N TYR A 100 -8.14 -15.27 1.72
CA TYR A 100 -7.72 -16.65 1.96
C TYR A 100 -8.86 -17.64 1.80
N ARG A 101 -10.04 -17.32 2.35
CA ARG A 101 -11.16 -18.26 2.20
C ARG A 101 -11.58 -18.48 0.76
N SER A 102 -11.13 -17.66 -0.19
CA SER A 102 -11.57 -17.80 -1.58
C SER A 102 -10.51 -18.42 -2.49
N LEU A 103 -9.36 -18.80 -1.94
CA LEU A 103 -8.26 -19.28 -2.76
C LEU A 103 -8.68 -20.41 -3.69
N SER A 104 -9.56 -21.28 -3.23
CA SER A 104 -9.90 -22.47 -4.00
C SER A 104 -11.20 -22.30 -4.76
N PHE A 105 -11.75 -21.09 -4.84
CA PHE A 105 -12.91 -20.79 -5.66
C PHE A 105 -12.46 -19.99 -6.89
N GLU A 106 -13.40 -19.73 -7.79
CA GLU A 106 -13.07 -19.02 -9.03
C GLU A 106 -14.02 -17.84 -9.25
N ASP A 107 -13.48 -16.62 -9.08
CA ASP A 107 -14.21 -15.38 -9.31
C ASP A 107 -15.38 -15.22 -8.35
N GLU A 108 -15.26 -15.84 -7.17
CA GLU A 108 -16.19 -15.62 -6.06
C GLU A 108 -15.42 -15.23 -4.81
N LEU A 109 -16.07 -14.43 -3.95
CA LEU A 109 -15.50 -14.04 -2.67
C LEU A 109 -16.23 -14.78 -1.57
N VAL A 110 -15.49 -15.57 -0.80
CA VAL A 110 -16.07 -16.39 0.27
C VAL A 110 -15.98 -15.56 1.56
N TYR A 111 -17.05 -14.83 1.86
CA TYR A 111 -17.09 -14.07 3.11
C TYR A 111 -17.26 -14.99 4.31
N ALA A 112 -18.12 -16.00 4.18
CA ALA A 112 -18.22 -17.12 5.12
C ALA A 112 -18.74 -18.32 4.36
N ASP A 113 -18.65 -19.50 4.99
CA ASP A 113 -19.10 -20.72 4.34
C ASP A 113 -20.53 -20.61 3.83
N ASP A 114 -21.34 -19.74 4.44
CA ASP A 114 -22.73 -19.56 4.08
C ASP A 114 -23.02 -18.19 3.46
N TYR A 115 -21.99 -17.54 2.91
CA TYR A 115 -22.16 -16.23 2.26
C TYR A 115 -21.05 -16.07 1.21
N ILE A 116 -21.36 -16.43 -0.04
CA ILE A 116 -20.40 -16.42 -1.13
C ILE A 116 -20.92 -15.51 -2.24
N MET A 117 -20.05 -14.65 -2.76
CA MET A 117 -20.45 -13.63 -3.73
C MET A 117 -19.78 -13.86 -5.07
N ASP A 118 -20.59 -14.02 -6.11
CA ASP A 118 -20.12 -14.07 -7.49
C ASP A 118 -20.31 -12.69 -8.12
N GLU A 119 -19.86 -12.54 -9.37
CA GLU A 119 -19.91 -11.25 -10.03
C GLU A 119 -21.31 -10.64 -10.01
N ASP A 120 -22.34 -11.44 -10.25
CA ASP A 120 -23.68 -10.86 -10.35
C ASP A 120 -24.15 -10.33 -9.02
N GLN A 121 -23.81 -11.01 -7.92
CA GLN A 121 -24.24 -10.56 -6.62
C GLN A 121 -23.42 -9.38 -6.13
N SER A 122 -22.15 -9.32 -6.51
CA SER A 122 -21.36 -8.11 -6.30
C SER A 122 -22.07 -6.89 -6.87
N LYS A 123 -22.54 -6.97 -8.11
CA LYS A 123 -23.19 -5.81 -8.73
C LYS A 123 -24.47 -5.46 -8.00
N LEU A 124 -25.29 -6.47 -7.67
CA LEU A 124 -26.50 -6.20 -6.90
C LEU A 124 -26.18 -5.48 -5.59
N ALA A 125 -25.00 -5.71 -5.02
CA ALA A 125 -24.63 -5.08 -3.76
C ALA A 125 -23.89 -3.76 -3.92
N GLY A 126 -23.63 -3.33 -5.15
CA GLY A 126 -22.81 -2.14 -5.34
C GLY A 126 -21.33 -2.33 -5.10
N LEU A 127 -20.85 -3.58 -5.06
CA LEU A 127 -19.47 -3.88 -4.67
C LEU A 127 -18.61 -4.42 -5.81
N LEU A 128 -19.05 -4.27 -7.05
CA LEU A 128 -18.31 -4.80 -8.20
C LEU A 128 -16.85 -4.33 -8.19
N ASP A 129 -16.62 -3.03 -8.28
CA ASP A 129 -15.25 -2.55 -8.43
C ASP A 129 -14.40 -2.93 -7.22
N LEU A 130 -15.00 -2.90 -6.03
CA LEU A 130 -14.25 -3.28 -4.84
C LEU A 130 -13.91 -4.76 -4.88
N ASN A 131 -14.90 -5.60 -5.18
CA ASN A 131 -14.64 -7.04 -5.19
C ASN A 131 -13.69 -7.44 -6.30
N ASN A 132 -13.67 -6.73 -7.43
CA ASN A 132 -12.69 -7.06 -8.46
C ASN A 132 -11.28 -6.76 -7.96
N ALA A 133 -11.11 -5.69 -7.20
CA ALA A 133 -9.81 -5.41 -6.62
C ALA A 133 -9.38 -6.53 -5.68
N ILE A 134 -10.29 -7.01 -4.83
CA ILE A 134 -9.98 -8.11 -3.92
C ILE A 134 -9.62 -9.37 -4.71
N LEU A 135 -10.40 -9.68 -5.75
CA LEU A 135 -10.09 -10.83 -6.60
C LEU A 135 -8.72 -10.72 -7.26
N GLN A 136 -8.19 -9.51 -7.42
CA GLN A 136 -6.80 -9.37 -7.86
C GLN A 136 -5.83 -9.97 -6.85
N LEU A 137 -6.08 -9.75 -5.55
CA LEU A 137 -5.30 -10.39 -4.51
C LEU A 137 -5.47 -11.91 -4.50
N VAL A 138 -6.71 -12.38 -4.64
CA VAL A 138 -6.93 -13.81 -4.68
C VAL A 138 -6.13 -14.42 -5.81
N LYS A 139 -6.14 -13.77 -6.97
CA LYS A 139 -5.42 -14.31 -8.13
C LYS A 139 -3.93 -14.40 -7.84
N LYS A 140 -3.36 -13.35 -7.27
CA LYS A 140 -1.92 -13.38 -6.98
C LYS A 140 -1.58 -14.49 -6.01
N TYR A 141 -2.34 -14.63 -4.92
CA TYR A 141 -2.01 -15.65 -3.93
C TYR A 141 -2.28 -17.05 -4.45
N LYS A 142 -3.20 -17.19 -5.40
CA LYS A 142 -3.45 -18.49 -6.02
C LYS A 142 -2.22 -18.99 -6.79
N SER A 143 -1.58 -18.10 -7.55
CA SER A 143 -0.44 -18.52 -8.33
C SER A 143 0.77 -18.78 -7.45
N MET A 144 0.84 -18.13 -6.28
CA MET A 144 1.90 -18.43 -5.33
C MET A 144 1.63 -19.68 -4.51
N LYS A 145 0.43 -20.25 -4.62
CA LYS A 145 0.02 -21.38 -3.80
C LYS A 145 0.23 -21.05 -2.31
N LEU A 146 -0.49 -20.02 -1.86
CA LEU A 146 -0.30 -19.50 -0.52
C LEU A 146 -0.76 -20.52 0.54
N GLU A 147 0.09 -20.75 1.53
CA GLU A 147 -0.12 -21.76 2.55
C GLU A 147 -0.76 -21.14 3.80
N LYS A 148 -1.50 -21.96 4.55
CA LYS A 148 -2.11 -21.46 5.79
C LYS A 148 -1.05 -20.82 6.68
N GLU A 149 0.09 -21.50 6.84
CA GLU A 149 1.22 -20.97 7.62
C GLU A 149 1.56 -19.53 7.21
N GLU A 150 1.65 -19.29 5.90
CA GLU A 150 2.03 -17.97 5.42
C GLU A 150 0.91 -16.97 5.67
N PHE A 151 -0.34 -17.41 5.51
CA PHE A 151 -1.48 -16.51 5.70
C PHE A 151 -1.52 -15.96 7.14
N VAL A 152 -1.33 -16.81 8.14
CA VAL A 152 -1.44 -16.35 9.53
C VAL A 152 -0.26 -15.44 9.89
N THR A 153 0.90 -15.69 9.32
CA THR A 153 2.01 -14.79 9.61
C THR A 153 1.81 -13.46 8.88
N LEU A 154 1.30 -13.50 7.64
CA LEU A 154 0.95 -12.29 6.92
C LEU A 154 -0.06 -11.45 7.70
N LYS A 155 -1.12 -12.09 8.23
CA LYS A 155 -2.10 -11.36 9.02
C LYS A 155 -1.44 -10.64 10.18
N ALA A 156 -0.63 -11.36 10.95
CA ALA A 156 0.12 -10.74 12.04
C ALA A 156 0.98 -9.59 11.54
N ILE A 157 1.66 -9.76 10.40
CA ILE A 157 2.54 -8.70 9.91
C ILE A 157 1.72 -7.50 9.46
N ALA A 158 0.58 -7.72 8.81
CA ALA A 158 -0.30 -6.61 8.47
C ALA A 158 -0.64 -5.77 9.69
N LEU A 159 -0.92 -6.42 10.83
CA LEU A 159 -1.19 -5.70 12.08
C LEU A 159 0.02 -4.86 12.51
N ALA A 160 1.20 -5.48 12.59
CA ALA A 160 2.38 -4.81 13.13
C ALA A 160 2.88 -3.71 12.21
N ASN A 161 2.66 -3.87 10.91
CA ASN A 161 3.14 -2.94 9.89
C ASN A 161 2.06 -1.94 9.48
N SER A 162 1.09 -1.69 10.36
CA SER A 162 -0.08 -0.90 10.00
C SER A 162 0.25 0.58 9.73
N ASP A 163 1.40 1.06 10.18
CA ASP A 163 1.82 2.46 9.95
C ASP A 163 0.86 3.49 10.56
N SER A 164 0.22 3.14 11.69
CA SER A 164 -0.45 4.16 12.51
C SER A 164 0.46 5.38 12.69
N MET A 165 -0.14 6.57 12.58
CA MET A 165 0.61 7.79 12.86
C MET A 165 0.68 8.11 14.35
N HIS A 166 0.05 7.29 15.20
CA HIS A 166 -0.14 7.62 16.61
C HIS A 166 0.85 6.95 17.55
N ILE A 167 1.60 5.95 17.08
CA ILE A 167 2.39 5.11 17.97
C ILE A 167 3.30 5.94 18.85
N GLU A 168 3.29 5.65 20.14
CA GLU A 168 4.27 6.25 21.05
C GLU A 168 5.57 5.44 21.10
N ASP A 169 5.46 4.12 21.30
CA ASP A 169 6.64 3.25 21.44
C ASP A 169 7.05 2.69 20.07
N VAL A 170 7.62 3.58 19.27
CA VAL A 170 8.06 3.21 17.93
C VAL A 170 9.07 2.08 17.98
N GLU A 171 10.02 2.14 18.90
CA GLU A 171 11.03 1.09 19.03
C GLU A 171 10.38 -0.28 19.28
N ALA A 172 9.33 -0.31 20.10
CA ALA A 172 8.69 -1.57 20.45
C ALA A 172 7.91 -2.17 19.28
N VAL A 173 7.25 -1.33 18.49
CA VAL A 173 6.52 -1.84 17.33
C VAL A 173 7.49 -2.30 16.25
N GLN A 174 8.57 -1.54 16.03
CA GLN A 174 9.62 -1.99 15.13
C GLN A 174 10.10 -3.39 15.53
N LYS A 175 10.22 -3.64 16.83
CA LYS A 175 10.67 -4.95 17.31
C LYS A 175 9.62 -6.03 17.05
N LEU A 176 8.35 -5.69 17.13
CA LEU A 176 7.31 -6.66 16.84
C LEU A 176 7.32 -7.04 15.36
N GLN A 177 7.42 -6.04 14.47
CA GLN A 177 7.59 -6.31 13.06
C GLN A 177 8.77 -7.23 12.80
N ASP A 178 9.90 -6.98 13.49
CA ASP A 178 11.08 -7.81 13.24
C ASP A 178 10.86 -9.25 13.69
N VAL A 179 10.22 -9.45 14.84
CA VAL A 179 9.98 -10.82 15.30
C VAL A 179 9.07 -11.56 14.33
N LEU A 180 8.03 -10.90 13.81
CA LEU A 180 7.15 -11.56 12.86
C LEU A 180 7.83 -11.73 11.50
N HIS A 181 8.47 -10.66 11.02
CA HIS A 181 9.33 -10.77 9.83
C HIS A 181 10.28 -11.97 9.96
N GLU A 182 10.95 -12.09 11.10
CA GLU A 182 11.90 -13.20 11.26
C GLU A 182 11.20 -14.54 11.19
N ALA A 183 10.04 -14.66 11.83
CA ALA A 183 9.29 -15.91 11.79
C ALA A 183 8.98 -16.31 10.36
N LEU A 184 8.51 -15.36 9.54
CA LEU A 184 8.15 -15.68 8.16
C LEU A 184 9.37 -16.14 7.37
N GLN A 185 10.45 -15.37 7.45
CA GLN A 185 11.65 -15.72 6.71
C GLN A 185 12.15 -17.09 7.15
N ASP A 186 12.18 -17.32 8.46
CA ASP A 186 12.61 -18.62 8.96
C ASP A 186 11.74 -19.74 8.39
N TYR A 187 10.43 -19.56 8.41
CA TYR A 187 9.55 -20.58 7.84
C TYR A 187 9.88 -20.84 6.37
N GLU A 188 10.05 -19.77 5.59
CA GLU A 188 10.32 -19.96 4.17
C GLU A 188 11.68 -20.64 3.97
N ALA A 189 12.68 -20.24 4.76
CA ALA A 189 14.01 -20.84 4.64
C ALA A 189 13.98 -22.35 4.78
N GLY A 190 13.02 -22.86 5.56
CA GLY A 190 12.97 -24.28 5.87
C GLY A 190 12.02 -25.04 4.97
N GLN A 191 10.90 -24.43 4.59
CA GLN A 191 9.87 -25.14 3.85
C GLN A 191 9.86 -24.82 2.36
N HIS A 192 10.57 -23.79 1.91
CA HIS A 192 10.55 -23.39 0.51
C HIS A 192 11.95 -23.05 0.01
N MET A 193 12.85 -24.05 0.01
CA MET A 193 14.22 -23.84 -0.40
C MET A 193 14.38 -23.70 -1.90
N GLU A 194 13.45 -24.26 -2.68
CA GLU A 194 13.45 -24.05 -4.12
C GLU A 194 13.22 -22.60 -4.52
N ASP A 195 12.80 -21.75 -3.58
CA ASP A 195 12.58 -20.32 -3.84
C ASP A 195 13.22 -19.52 -2.71
N PRO A 196 14.50 -19.17 -2.84
CA PRO A 196 15.17 -18.39 -1.79
C PRO A 196 14.58 -17.01 -1.56
N ARG A 197 13.64 -16.55 -2.38
CA ARG A 197 13.07 -15.21 -2.22
C ARG A 197 11.56 -15.23 -1.95
N ARG A 198 11.01 -16.37 -1.54
CA ARG A 198 9.57 -16.44 -1.32
C ARG A 198 9.10 -15.48 -0.24
N ALA A 199 9.87 -15.32 0.84
CA ALA A 199 9.42 -14.42 1.90
C ALA A 199 9.25 -13.00 1.36
N GLY A 200 10.17 -12.56 0.52
CA GLY A 200 10.06 -11.23 -0.07
C GLY A 200 8.86 -11.11 -1.00
N LYS A 201 8.57 -12.16 -1.75
CA LYS A 201 7.36 -12.15 -2.57
C LYS A 201 6.11 -11.98 -1.71
N MET A 202 6.01 -12.70 -0.59
CA MET A 202 4.85 -12.51 0.30
C MET A 202 4.72 -11.05 0.72
N LEU A 203 5.83 -10.46 1.18
CA LEU A 203 5.81 -9.07 1.64
C LEU A 203 5.44 -8.12 0.53
N MET A 204 5.78 -8.45 -0.71
CA MET A 204 5.46 -7.53 -1.79
C MET A 204 3.99 -7.59 -2.19
N THR A 205 3.17 -8.42 -1.54
CA THR A 205 1.73 -8.35 -1.77
C THR A 205 1.02 -7.41 -0.80
N LEU A 206 1.73 -6.90 0.21
CA LEU A 206 1.10 -6.07 1.23
C LEU A 206 0.64 -4.72 0.67
N PRO A 207 1.37 -4.10 -0.26
CA PRO A 207 0.86 -2.85 -0.83
C PRO A 207 -0.48 -3.01 -1.53
N LEU A 208 -0.73 -4.15 -2.18
CA LEU A 208 -2.06 -4.37 -2.75
C LEU A 208 -3.11 -4.53 -1.66
N LEU A 209 -2.77 -5.25 -0.59
CA LEU A 209 -3.67 -5.39 0.54
C LEU A 209 -4.08 -4.05 1.11
N ARG A 210 -3.12 -3.17 1.38
CA ARG A 210 -3.47 -1.87 1.93
C ARG A 210 -4.23 -1.04 0.92
N GLN A 211 -3.89 -1.18 -0.36
CA GLN A 211 -4.63 -0.44 -1.38
C GLN A 211 -6.12 -0.76 -1.31
N THR A 212 -6.49 -2.05 -1.25
CA THR A 212 -7.90 -2.35 -1.33
C THR A 212 -8.62 -2.20 0.01
N SER A 213 -7.90 -2.22 1.14
CA SER A 213 -8.54 -1.76 2.39
C SER A 213 -8.91 -0.29 2.31
N THR A 214 -8.02 0.55 1.76
CA THR A 214 -8.38 1.96 1.64
C THR A 214 -9.57 2.13 0.70
N LYS A 215 -9.60 1.38 -0.41
CA LYS A 215 -10.77 1.42 -1.27
C LYS A 215 -12.02 1.03 -0.48
N ALA A 216 -11.93 -0.01 0.36
CA ALA A 216 -13.09 -0.45 1.12
C ALA A 216 -13.50 0.58 2.17
N VAL A 217 -12.56 1.12 2.93
CA VAL A 217 -12.98 2.09 3.94
C VAL A 217 -13.58 3.31 3.27
N GLN A 218 -13.01 3.72 2.15
CA GLN A 218 -13.59 4.86 1.42
C GLN A 218 -15.03 4.57 0.96
N HIS A 219 -15.37 3.30 0.74
CA HIS A 219 -16.73 3.02 0.28
C HIS A 219 -17.78 3.33 1.35
N PHE A 220 -17.42 3.18 2.63
CA PHE A 220 -18.32 3.60 3.71
C PHE A 220 -18.89 4.99 3.46
N TYR A 221 -18.10 5.88 2.86
CA TYR A 221 -18.56 7.25 2.71
C TYR A 221 -19.60 7.38 1.60
N ASN A 222 -19.45 6.56 0.54
CA ASN A 222 -20.49 6.48 -0.49
C ASN A 222 -21.79 6.04 0.10
N ILE A 223 -21.76 4.97 0.90
CA ILE A 223 -22.92 4.39 1.52
C ILE A 223 -23.57 5.41 2.44
N LYS A 224 -22.74 6.13 3.20
CA LYS A 224 -23.28 7.11 4.15
C LYS A 224 -24.00 8.24 3.41
N LEU A 225 -23.38 8.76 2.35
CA LEU A 225 -23.98 9.85 1.57
C LEU A 225 -25.32 9.43 0.98
N GLU A 226 -25.37 8.27 0.34
CA GLU A 226 -26.63 7.85 -0.27
C GLU A 226 -27.74 7.70 0.76
N GLY A 227 -27.40 7.30 1.99
CA GLY A 227 -28.36 7.32 3.08
C GLY A 227 -29.40 6.21 3.08
N LYS A 228 -29.39 5.28 2.13
CA LYS A 228 -30.47 4.29 2.15
C LYS A 228 -30.16 3.09 3.05
N VAL A 229 -28.92 2.77 3.35
CA VAL A 229 -28.60 1.59 4.14
C VAL A 229 -28.35 1.99 5.58
N PRO A 230 -29.08 1.43 6.54
CA PRO A 230 -28.93 1.86 7.94
C PRO A 230 -27.57 1.53 8.51
N MET A 231 -26.98 2.50 9.21
CA MET A 231 -25.71 2.28 9.87
C MET A 231 -25.85 2.62 11.35
N HIS A 232 -25.05 1.93 12.18
CA HIS A 232 -25.07 2.18 13.61
C HIS A 232 -24.60 3.60 13.91
N LYS A 233 -25.24 4.24 14.88
CA LYS A 233 -24.92 5.65 15.14
C LYS A 233 -23.49 5.85 15.61
N LEU A 234 -22.92 4.87 16.32
CA LEU A 234 -21.50 4.97 16.68
C LEU A 234 -20.63 4.98 15.44
N PHE A 235 -20.93 4.09 14.49
CA PHE A 235 -20.17 4.03 13.25
C PHE A 235 -20.24 5.36 12.50
N LEU A 236 -21.45 5.92 12.35
CA LEU A 236 -21.56 7.22 11.71
C LEU A 236 -20.69 8.26 12.40
N GLU A 237 -20.68 8.28 13.74
CA GLU A 237 -19.83 9.23 14.44
C GLU A 237 -18.37 9.00 14.09
N MET A 238 -17.94 7.74 14.12
CA MET A 238 -16.56 7.44 13.75
C MET A 238 -16.24 7.88 12.32
N LEU A 239 -17.15 7.61 11.39
CA LEU A 239 -16.94 8.00 10.00
C LEU A 239 -16.75 9.52 9.89
N GLU A 240 -17.66 10.31 10.50
CA GLU A 240 -17.58 11.77 10.42
C GLU A 240 -16.34 12.34 11.08
N ALA A 241 -15.73 11.63 12.01
CA ALA A 241 -14.59 12.14 12.76
C ALA A 241 -13.28 11.89 12.03
N PRO B 18 28.24 -2.19 -5.70
CA PRO B 18 26.87 -2.52 -5.31
C PRO B 18 26.58 -4.02 -5.35
N TYR B 19 27.58 -4.83 -5.68
CA TYR B 19 27.46 -6.28 -5.65
C TYR B 19 26.48 -6.80 -6.70
N ASN B 20 26.10 -5.98 -7.67
CA ASN B 20 25.04 -6.38 -8.58
C ASN B 20 25.08 -5.50 -9.81
N LYS B 21 25.07 -6.10 -10.99
CA LYS B 21 25.10 -5.32 -12.23
C LYS B 21 23.91 -4.35 -12.32
N ILE B 22 22.73 -4.82 -11.90
CA ILE B 22 21.51 -4.00 -12.07
C ILE B 22 21.53 -2.78 -11.14
N VAL B 23 21.87 -2.98 -9.88
CA VAL B 23 22.01 -1.83 -8.99
C VAL B 23 23.11 -0.90 -9.52
N SER B 24 24.16 -1.48 -10.09
CA SER B 24 25.24 -0.67 -10.61
C SER B 24 24.75 0.25 -11.71
N HIS B 25 23.98 -0.31 -12.66
CA HIS B 25 23.49 0.47 -13.79
C HIS B 25 22.44 1.49 -13.36
N LEU B 26 21.57 1.12 -12.42
CA LEU B 26 20.57 2.08 -11.97
C LEU B 26 21.23 3.33 -11.38
N LEU B 27 22.38 3.20 -10.72
CA LEU B 27 23.03 4.39 -10.20
C LEU B 27 23.51 5.28 -11.34
N VAL B 28 24.01 4.66 -12.41
CA VAL B 28 24.42 5.43 -13.58
C VAL B 28 23.22 6.11 -14.21
N ALA B 29 22.09 5.39 -14.31
CA ALA B 29 20.87 5.88 -14.92
C ALA B 29 20.14 6.89 -14.07
N GLU B 30 20.54 7.09 -12.82
CA GLU B 30 19.84 8.05 -11.98
C GLU B 30 19.84 9.41 -12.65
N PRO B 31 18.68 10.08 -12.77
CA PRO B 31 18.61 11.37 -13.46
C PRO B 31 19.32 12.51 -12.72
N GLU B 32 19.69 13.52 -13.49
CA GLU B 32 20.31 14.73 -12.97
C GLU B 32 19.28 15.60 -12.27
N LYS B 33 19.77 16.47 -11.38
CA LYS B 33 18.89 17.33 -10.59
C LYS B 33 17.94 18.10 -11.48
N ILE B 34 16.68 18.19 -11.05
CA ILE B 34 15.67 18.99 -11.72
C ILE B 34 15.29 20.14 -10.80
N TYR B 35 14.96 21.29 -11.38
CA TYR B 35 14.76 22.51 -10.62
C TYR B 35 13.33 22.99 -10.77
N ALA B 36 12.71 23.37 -9.66
CA ALA B 36 11.33 23.86 -9.73
C ALA B 36 11.25 25.15 -10.51
N MET B 37 12.28 25.99 -10.42
CA MET B 37 12.35 27.26 -11.12
C MET B 37 11.02 28.02 -10.98
N PRO B 38 10.63 28.38 -9.77
CA PRO B 38 9.38 29.11 -9.60
C PRO B 38 9.50 30.49 -10.23
N ASP B 39 8.38 30.97 -10.77
CA ASP B 39 8.32 32.23 -11.49
C ASP B 39 8.56 33.41 -10.55
N PRO B 40 9.64 34.18 -10.72
CA PRO B 40 9.91 35.26 -9.75
C PRO B 40 9.05 36.49 -9.99
N THR B 41 8.42 36.61 -11.16
CA THR B 41 7.49 37.70 -11.46
C THR B 41 6.09 37.51 -10.88
N VAL B 42 5.77 36.34 -10.32
CA VAL B 42 4.45 36.05 -9.79
C VAL B 42 4.50 36.19 -8.26
N PRO B 43 3.63 37.01 -7.64
CA PRO B 43 3.46 37.05 -6.14
C PRO B 43 3.22 35.67 -5.54
N ASP B 44 3.75 35.44 -4.35
CA ASP B 44 3.57 34.11 -3.77
C ASP B 44 2.15 33.92 -3.29
N SER B 45 1.60 32.73 -3.50
CA SER B 45 0.24 32.42 -3.08
C SER B 45 0.08 30.91 -3.02
N ASP B 46 -1.14 30.44 -2.77
CA ASP B 46 -1.38 29.00 -2.79
C ASP B 46 -1.38 28.49 -4.22
N ILE B 47 -1.83 29.33 -5.16
CA ILE B 47 -1.92 28.97 -6.57
C ILE B 47 -0.53 28.85 -7.18
N LYS B 48 0.39 29.73 -6.79
CA LYS B 48 1.74 29.74 -7.37
C LYS B 48 2.49 28.48 -6.98
N ALA B 49 2.28 28.02 -5.75
CA ALA B 49 2.95 26.83 -5.23
C ALA B 49 2.47 25.58 -5.96
N LEU B 50 1.15 25.48 -6.14
CA LEU B 50 0.56 24.35 -6.84
C LEU B 50 0.86 24.41 -8.32
N THR B 51 0.87 25.60 -8.89
CA THR B 51 1.31 25.72 -10.26
C THR B 51 2.76 25.30 -10.40
N THR B 52 3.63 25.81 -9.54
CA THR B 52 5.03 25.44 -9.61
C THR B 52 5.20 23.93 -9.49
N LEU B 53 4.39 23.28 -8.66
CA LEU B 53 4.54 21.85 -8.44
C LEU B 53 4.10 21.03 -9.65
N CYS B 54 3.06 21.47 -10.39
CA CYS B 54 2.66 20.67 -11.53
C CYS B 54 3.65 20.83 -12.68
N ASP B 55 4.13 22.05 -12.94
CA ASP B 55 5.14 22.22 -13.97
C ASP B 55 6.34 21.33 -13.65
N LEU B 56 6.77 21.32 -12.38
CA LEU B 56 7.91 20.51 -11.98
C LEU B 56 7.66 19.03 -12.22
N ALA B 57 6.49 18.54 -11.79
CA ALA B 57 6.17 17.13 -11.94
C ALA B 57 6.11 16.72 -13.42
N ASP B 58 5.54 17.57 -14.26
CA ASP B 58 5.42 17.20 -15.66
C ASP B 58 6.79 17.05 -16.30
N ARG B 59 7.78 17.85 -15.88
CA ARG B 59 9.15 17.66 -16.36
C ARG B 59 9.77 16.41 -15.79
N GLU B 60 9.49 16.11 -14.52
CA GLU B 60 9.96 14.86 -13.95
C GLU B 60 9.35 13.65 -14.66
N LEU B 61 8.07 13.73 -15.03
CA LEU B 61 7.44 12.58 -15.69
C LEU B 61 8.12 12.32 -17.04
N VAL B 62 8.45 13.37 -17.77
CA VAL B 62 9.18 13.15 -19.02
C VAL B 62 10.48 12.42 -18.74
N VAL B 63 11.18 12.82 -17.67
CA VAL B 63 12.42 12.14 -17.30
C VAL B 63 12.14 10.69 -16.92
N ILE B 64 11.05 10.43 -16.20
CA ILE B 64 10.73 9.06 -15.79
C ILE B 64 10.65 8.14 -17.00
N ILE B 65 10.04 8.60 -18.09
CA ILE B 65 9.92 7.77 -19.29
C ILE B 65 11.29 7.29 -19.75
N GLY B 66 12.27 8.20 -19.82
CA GLY B 66 13.59 7.82 -20.28
C GLY B 66 14.37 7.00 -19.28
N TRP B 67 14.14 7.25 -18.00
CA TRP B 67 14.78 6.46 -16.95
C TRP B 67 14.34 5.00 -17.01
N ALA B 68 13.04 4.75 -17.22
CA ALA B 68 12.54 3.37 -17.17
C ALA B 68 13.14 2.51 -18.27
N LYS B 69 13.67 3.11 -19.33
CA LYS B 69 14.36 2.32 -20.36
C LYS B 69 15.61 1.63 -19.82
N HIS B 70 16.13 2.07 -18.67
CA HIS B 70 17.30 1.46 -18.05
C HIS B 70 16.95 0.34 -17.08
N ILE B 71 15.67 0.00 -16.96
CA ILE B 71 15.23 -1.08 -16.08
C ILE B 71 15.18 -2.36 -16.91
N PRO B 72 15.99 -3.37 -16.58
CA PRO B 72 16.10 -4.54 -17.48
C PRO B 72 14.79 -5.30 -17.56
N GLY B 73 14.25 -5.35 -18.77
CA GLY B 73 13.01 -6.06 -19.04
C GLY B 73 11.82 -5.16 -19.28
N PHE B 74 11.91 -3.90 -18.85
CA PHE B 74 10.75 -3.03 -18.99
C PHE B 74 10.47 -2.73 -20.45
N SER B 75 11.52 -2.39 -21.22
CA SER B 75 11.28 -1.98 -22.60
C SER B 75 10.80 -3.11 -23.49
N THR B 76 10.98 -4.37 -23.10
CA THR B 76 10.47 -5.45 -23.93
C THR B 76 9.01 -5.79 -23.63
N LEU B 77 8.40 -5.15 -22.63
CA LEU B 77 6.95 -5.23 -22.51
C LEU B 77 6.26 -4.53 -23.68
N SER B 78 5.02 -4.91 -23.93
CA SER B 78 4.26 -4.26 -24.98
C SER B 78 4.01 -2.79 -24.63
N LEU B 79 3.54 -2.03 -25.62
CA LEU B 79 3.17 -0.63 -25.34
C LEU B 79 2.14 -0.55 -24.22
N ALA B 80 1.09 -1.37 -24.29
CA ALA B 80 -0.01 -1.23 -23.34
C ALA B 80 0.40 -1.69 -21.93
N ASP B 81 1.31 -2.65 -21.80
CA ASP B 81 1.78 -3.03 -20.48
C ASP B 81 2.73 -1.97 -19.91
N GLN B 82 3.59 -1.39 -20.74
CA GLN B 82 4.40 -0.27 -20.25
C GLN B 82 3.51 0.85 -19.76
N MET B 83 2.46 1.16 -20.52
CA MET B 83 1.56 2.22 -20.08
C MET B 83 0.81 1.83 -18.82
N SER B 84 0.47 0.54 -18.67
CA SER B 84 -0.23 0.06 -17.47
C SER B 84 0.64 0.23 -16.22
N LEU B 85 1.90 -0.22 -16.28
CA LEU B 85 2.77 -0.11 -15.11
C LEU B 85 3.00 1.34 -14.75
N LEU B 86 3.23 2.19 -15.77
CA LEU B 86 3.54 3.59 -15.48
C LEU B 86 2.31 4.35 -15.03
N GLN B 87 1.13 4.01 -15.55
CA GLN B 87 -0.08 4.64 -15.10
C GLN B 87 -0.32 4.39 -13.60
N SER B 88 0.05 3.23 -13.11
CA SER B 88 -0.23 2.91 -11.72
C SER B 88 0.89 3.30 -10.77
N ALA B 89 2.07 3.65 -11.29
CA ALA B 89 3.26 3.78 -10.48
C ALA B 89 3.85 5.16 -10.43
N TRP B 90 3.37 6.10 -11.25
CA TRP B 90 4.16 7.33 -11.42
C TRP B 90 4.16 8.17 -10.15
N MET B 91 3.03 8.30 -9.46
CA MET B 91 3.02 9.13 -8.26
C MET B 91 3.89 8.54 -7.18
N GLU B 92 3.91 7.20 -7.09
CA GLU B 92 4.78 6.55 -6.11
C GLU B 92 6.22 6.89 -6.40
N ILE B 93 6.58 6.90 -7.69
CA ILE B 93 7.95 7.21 -8.06
C ILE B 93 8.26 8.67 -7.77
N LEU B 94 7.33 9.57 -8.12
CA LEU B 94 7.52 10.97 -7.80
C LEU B 94 7.69 11.19 -6.30
N ILE B 95 6.83 10.54 -5.49
CA ILE B 95 6.88 10.76 -4.05
C ILE B 95 8.12 10.14 -3.43
N LEU B 96 8.54 8.97 -3.91
CA LEU B 96 9.79 8.42 -3.40
C LEU B 96 10.95 9.38 -3.66
N GLY B 97 10.93 10.04 -4.81
CA GLY B 97 11.98 11.02 -5.08
C GLY B 97 12.03 12.11 -4.04
N VAL B 98 10.88 12.73 -3.76
CA VAL B 98 10.85 13.80 -2.75
C VAL B 98 11.28 13.26 -1.39
N VAL B 99 10.80 12.07 -1.03
CA VAL B 99 11.20 11.49 0.25
C VAL B 99 12.71 11.41 0.33
N TYR B 100 13.34 10.85 -0.71
CA TYR B 100 14.79 10.64 -0.65
C TYR B 100 15.55 11.95 -0.59
N ARG B 101 15.13 12.96 -1.36
CA ARG B 101 15.82 14.25 -1.30
C ARG B 101 15.67 14.94 0.04
N SER B 102 14.76 14.47 0.91
CA SER B 102 14.48 15.14 2.18
C SER B 102 15.10 14.44 3.38
N LEU B 103 15.91 13.39 3.17
CA LEU B 103 16.44 12.62 4.29
C LEU B 103 17.31 13.47 5.21
N SER B 104 18.05 14.42 4.64
CA SER B 104 18.98 15.19 5.47
C SER B 104 18.36 16.44 6.05
N PHE B 105 17.06 16.64 5.86
CA PHE B 105 16.38 17.81 6.41
C PHE B 105 15.50 17.36 7.57
N GLU B 106 14.90 18.33 8.25
CA GLU B 106 14.05 18.06 9.41
C GLU B 106 12.74 18.80 9.26
N ASP B 107 11.66 18.04 9.08
CA ASP B 107 10.28 18.56 8.91
C ASP B 107 10.12 19.43 7.67
N GLU B 108 10.85 19.11 6.61
CA GLU B 108 10.81 19.82 5.35
C GLU B 108 10.86 18.83 4.21
N LEU B 109 10.08 19.07 3.16
CA LEU B 109 10.12 18.29 1.94
C LEU B 109 10.91 19.03 0.88
N VAL B 110 11.82 18.31 0.21
CA VAL B 110 12.68 18.90 -0.79
C VAL B 110 12.21 18.51 -2.17
N TYR B 111 11.29 19.28 -2.72
CA TYR B 111 10.82 19.05 -4.07
C TYR B 111 11.94 19.24 -5.07
N ALA B 112 12.75 20.26 -4.85
CA ALA B 112 13.94 20.51 -5.66
C ALA B 112 14.89 21.29 -4.76
N ASP B 113 16.15 21.37 -5.19
CA ASP B 113 17.11 22.15 -4.43
C ASP B 113 16.65 23.60 -4.24
N ASP B 114 15.86 24.12 -5.18
CA ASP B 114 15.37 25.49 -5.12
C ASP B 114 13.91 25.58 -4.71
N TYR B 115 13.36 24.52 -4.11
CA TYR B 115 11.95 24.52 -3.69
C TYR B 115 11.83 23.57 -2.50
N ILE B 116 11.92 24.13 -1.30
CA ILE B 116 11.89 23.37 -0.06
C ILE B 116 10.76 23.91 0.80
N MET B 117 9.88 23.01 1.23
CA MET B 117 8.62 23.41 1.86
C MET B 117 8.62 22.99 3.33
N ASP B 118 8.70 23.97 4.23
CA ASP B 118 8.55 23.69 5.65
C ASP B 118 7.08 23.68 6.03
N GLU B 119 6.79 23.35 7.29
CA GLU B 119 5.40 23.16 7.69
C GLU B 119 4.56 24.41 7.40
N ASP B 120 5.11 25.60 7.58
CA ASP B 120 4.29 26.80 7.42
C ASP B 120 3.93 27.03 5.96
N GLN B 121 4.87 26.82 5.04
CA GLN B 121 4.52 26.93 3.63
C GLN B 121 3.60 25.81 3.19
N SER B 122 3.71 24.61 3.78
CA SER B 122 2.78 23.53 3.49
C SER B 122 1.35 23.95 3.78
N LYS B 123 1.12 24.67 4.89
CA LYS B 123 -0.24 25.06 5.24
C LYS B 123 -0.75 26.14 4.30
N LEU B 124 0.10 27.12 3.94
CA LEU B 124 -0.31 28.13 2.97
C LEU B 124 -0.68 27.50 1.64
N ALA B 125 -0.02 26.41 1.27
CA ALA B 125 -0.30 25.70 0.03
C ALA B 125 -1.43 24.70 0.15
N GLY B 126 -2.03 24.54 1.32
CA GLY B 126 -3.12 23.60 1.44
C GLY B 126 -2.66 22.16 1.43
N LEU B 127 -1.38 21.91 1.74
CA LEU B 127 -0.79 20.58 1.65
C LEU B 127 -0.27 20.07 2.98
N LEU B 128 -0.71 20.66 4.11
CA LEU B 128 -0.14 20.29 5.39
C LEU B 128 -0.44 18.83 5.74
N ASP B 129 -1.69 18.40 5.55
CA ASP B 129 -2.05 17.04 5.95
C ASP B 129 -1.35 16.00 5.07
N LEU B 130 -1.19 16.29 3.78
CA LEU B 130 -0.54 15.33 2.88
C LEU B 130 0.97 15.29 3.10
N ASN B 131 1.59 16.46 3.27
CA ASN B 131 3.02 16.49 3.52
C ASN B 131 3.36 15.84 4.85
N ASN B 132 2.50 16.00 5.86
CA ASN B 132 2.77 15.32 7.12
C ASN B 132 2.76 13.83 6.92
N ALA B 133 1.96 13.35 5.96
CA ALA B 133 1.95 11.92 5.66
C ALA B 133 3.26 11.50 5.00
N ILE B 134 3.75 12.32 4.07
CA ILE B 134 5.03 12.05 3.41
C ILE B 134 6.17 12.10 4.41
N LEU B 135 6.12 13.05 5.34
CA LEU B 135 7.13 13.14 6.37
C LEU B 135 7.18 11.89 7.22
N GLN B 136 6.05 11.20 7.39
CA GLN B 136 6.10 9.92 8.08
C GLN B 136 6.99 8.92 7.33
N LEU B 137 6.88 8.88 6.00
CA LEU B 137 7.78 8.08 5.16
C LEU B 137 9.24 8.49 5.36
N VAL B 138 9.49 9.79 5.34
CA VAL B 138 10.86 10.27 5.45
C VAL B 138 11.47 9.80 6.75
N LYS B 139 10.72 9.97 7.87
CA LYS B 139 11.28 9.64 9.17
C LYS B 139 11.55 8.15 9.30
N LYS B 140 10.79 7.28 8.63
CA LYS B 140 11.13 5.86 8.70
C LYS B 140 12.38 5.55 7.88
N TYR B 141 12.54 6.21 6.73
CA TYR B 141 13.75 5.98 5.95
C TYR B 141 14.97 6.61 6.63
N LYS B 142 14.78 7.68 7.39
CA LYS B 142 15.90 8.21 8.18
C LYS B 142 16.38 7.18 9.18
N SER B 143 15.45 6.55 9.91
CA SER B 143 15.82 5.61 10.95
C SER B 143 16.48 4.35 10.39
N MET B 144 16.12 3.94 9.16
CA MET B 144 16.84 2.84 8.53
C MET B 144 18.08 3.31 7.82
N LYS B 145 18.31 4.62 7.72
CA LYS B 145 19.45 5.17 7.01
C LYS B 145 19.48 4.68 5.56
N LEU B 146 18.46 5.10 4.81
CA LEU B 146 18.27 4.65 3.44
C LEU B 146 19.40 5.11 2.54
N GLU B 147 19.95 4.19 1.76
CA GLU B 147 21.07 4.47 0.87
C GLU B 147 20.61 4.67 -0.56
N LYS B 148 21.39 5.46 -1.33
CA LYS B 148 21.11 5.69 -2.74
C LYS B 148 20.90 4.38 -3.48
N GLU B 149 21.77 3.41 -3.26
CA GLU B 149 21.62 2.11 -3.92
C GLU B 149 20.26 1.50 -3.64
N GLU B 150 19.82 1.53 -2.38
CA GLU B 150 18.52 0.99 -2.03
C GLU B 150 17.39 1.80 -2.66
N PHE B 151 17.49 3.13 -2.63
CA PHE B 151 16.47 4.01 -3.18
C PHE B 151 16.26 3.80 -4.69
N VAL B 152 17.31 3.81 -5.49
CA VAL B 152 17.12 3.60 -6.92
C VAL B 152 16.49 2.23 -7.19
N THR B 153 16.87 1.22 -6.40
CA THR B 153 16.28 -0.10 -6.61
C THR B 153 14.83 -0.13 -6.17
N LEU B 154 14.48 0.54 -5.07
CA LEU B 154 13.08 0.62 -4.64
C LEU B 154 12.23 1.36 -5.67
N LYS B 155 12.77 2.43 -6.28
CA LYS B 155 12.03 3.09 -7.36
C LYS B 155 11.65 2.07 -8.43
N ALA B 156 12.61 1.25 -8.85
CA ALA B 156 12.32 0.29 -9.92
C ALA B 156 11.34 -0.76 -9.46
N ILE B 157 11.44 -1.19 -8.19
CA ILE B 157 10.49 -2.15 -7.65
C ILE B 157 9.11 -1.52 -7.56
N ALA B 158 9.00 -0.26 -7.16
CA ALA B 158 7.70 0.40 -7.15
C ALA B 158 7.05 0.32 -8.53
N LEU B 159 7.82 0.54 -9.58
CA LEU B 159 7.29 0.43 -10.94
C LEU B 159 6.81 -0.99 -11.23
N ALA B 160 7.70 -1.98 -11.09
CA ALA B 160 7.33 -3.33 -11.51
C ALA B 160 6.18 -3.88 -10.67
N ASN B 161 6.10 -3.52 -9.40
CA ASN B 161 5.11 -4.01 -8.46
C ASN B 161 3.91 -3.07 -8.31
N SER B 162 3.59 -2.32 -9.35
CA SER B 162 2.54 -1.31 -9.27
C SER B 162 1.12 -1.90 -9.20
N ASP B 163 0.94 -3.17 -9.56
CA ASP B 163 -0.35 -3.83 -9.44
C ASP B 163 -1.42 -3.24 -10.36
N SER B 164 -1.04 -2.74 -11.53
CA SER B 164 -2.03 -2.42 -12.55
C SER B 164 -3.01 -3.58 -12.69
N MET B 165 -4.29 -3.24 -12.87
CA MET B 165 -5.29 -4.27 -13.17
C MET B 165 -5.32 -4.67 -14.63
N HIS B 166 -4.55 -4.00 -15.50
CA HIS B 166 -4.66 -4.17 -16.95
C HIS B 166 -3.60 -5.08 -17.55
N ILE B 167 -2.59 -5.49 -16.78
CA ILE B 167 -1.46 -6.24 -17.34
C ILE B 167 -1.96 -7.40 -18.19
N GLU B 168 -1.39 -7.53 -19.39
CA GLU B 168 -1.63 -8.71 -20.20
C GLU B 168 -0.60 -9.79 -19.91
N ASP B 169 0.69 -9.44 -19.99
CA ASP B 169 1.78 -10.42 -19.83
C ASP B 169 2.14 -10.48 -18.35
N VAL B 170 1.29 -11.18 -17.61
CA VAL B 170 1.47 -11.29 -16.17
C VAL B 170 2.78 -11.99 -15.86
N GLU B 171 3.05 -13.10 -16.55
CA GLU B 171 4.29 -13.83 -16.30
C GLU B 171 5.51 -12.96 -16.56
N ALA B 172 5.45 -12.05 -17.55
CA ALA B 172 6.58 -11.17 -17.81
C ALA B 172 6.74 -10.07 -16.76
N VAL B 173 5.62 -9.57 -16.20
CA VAL B 173 5.75 -8.58 -15.13
C VAL B 173 6.20 -9.25 -13.84
N GLN B 174 5.74 -10.48 -13.59
CA GLN B 174 6.25 -11.21 -12.43
C GLN B 174 7.78 -11.37 -12.53
N LYS B 175 8.26 -11.76 -13.71
CA LYS B 175 9.70 -11.98 -13.89
C LYS B 175 10.49 -10.69 -13.73
N LEU B 176 9.92 -9.56 -14.16
CA LEU B 176 10.53 -8.26 -13.92
C LEU B 176 10.62 -7.98 -12.43
N GLN B 177 9.56 -8.32 -11.68
CA GLN B 177 9.60 -8.20 -10.23
C GLN B 177 10.69 -9.09 -9.64
N ASP B 178 10.75 -10.34 -10.07
CA ASP B 178 11.78 -11.23 -9.51
C ASP B 178 13.18 -10.69 -9.77
N VAL B 179 13.45 -10.23 -10.98
CA VAL B 179 14.79 -9.79 -11.33
C VAL B 179 15.21 -8.62 -10.44
N LEU B 180 14.32 -7.65 -10.25
CA LEU B 180 14.66 -6.49 -9.42
C LEU B 180 14.76 -6.87 -7.94
N HIS B 181 13.86 -7.73 -7.48
CA HIS B 181 13.91 -8.22 -6.11
C HIS B 181 15.23 -8.95 -5.83
N GLU B 182 15.68 -9.79 -6.75
CA GLU B 182 16.97 -10.45 -6.57
C GLU B 182 18.10 -9.43 -6.47
N ALA B 183 18.03 -8.34 -7.24
CA ALA B 183 19.06 -7.30 -7.17
C ALA B 183 19.12 -6.67 -5.80
N LEU B 184 17.97 -6.19 -5.30
CA LEU B 184 17.93 -5.63 -3.95
C LEU B 184 18.48 -6.61 -2.92
N GLN B 185 18.06 -7.87 -2.98
CA GLN B 185 18.57 -8.84 -2.01
C GLN B 185 20.05 -9.06 -2.22
N ASP B 186 20.47 -9.08 -3.48
CA ASP B 186 21.89 -9.15 -3.81
C ASP B 186 22.68 -8.05 -3.13
N TYR B 187 22.23 -6.81 -3.26
CA TYR B 187 22.96 -5.70 -2.68
C TYR B 187 23.04 -5.84 -1.16
N GLU B 188 21.88 -6.12 -0.53
CA GLU B 188 21.80 -6.17 0.92
C GLU B 188 22.71 -7.25 1.49
N ALA B 189 22.79 -8.41 0.82
CA ALA B 189 23.64 -9.50 1.27
C ALA B 189 25.11 -9.09 1.26
N GLY B 190 25.53 -8.25 0.32
CA GLY B 190 26.91 -7.81 0.26
C GLY B 190 27.19 -6.66 1.18
N GLN B 191 26.24 -5.71 1.29
CA GLN B 191 26.50 -4.45 1.97
C GLN B 191 26.03 -4.43 3.42
N HIS B 192 25.11 -5.30 3.82
CA HIS B 192 24.57 -5.28 5.17
C HIS B 192 24.49 -6.69 5.74
N MET B 193 25.66 -7.34 5.87
CA MET B 193 25.68 -8.65 6.53
C MET B 193 25.24 -8.57 7.99
N GLU B 194 25.38 -7.39 8.62
CA GLU B 194 24.93 -7.16 9.99
C GLU B 194 23.42 -7.14 10.15
N ASP B 195 22.65 -7.11 9.05
CA ASP B 195 21.20 -7.14 9.10
C ASP B 195 20.67 -8.04 7.99
N PRO B 196 20.62 -9.35 8.23
CA PRO B 196 20.22 -10.30 7.18
C PRO B 196 18.78 -10.16 6.70
N ARG B 197 17.98 -9.29 7.32
CA ARG B 197 16.60 -9.09 6.90
C ARG B 197 16.36 -7.67 6.39
N ARG B 198 17.43 -6.93 6.07
CA ARG B 198 17.28 -5.54 5.65
C ARG B 198 16.41 -5.42 4.40
N ALA B 199 16.67 -6.25 3.39
CA ALA B 199 15.85 -6.25 2.18
C ALA B 199 14.35 -6.28 2.49
N GLY B 200 13.93 -7.22 3.34
CA GLY B 200 12.53 -7.28 3.73
C GLY B 200 12.06 -6.05 4.49
N LYS B 201 12.89 -5.53 5.39
CA LYS B 201 12.53 -4.26 6.01
C LYS B 201 12.27 -3.20 4.95
N MET B 202 13.13 -3.13 3.91
CA MET B 202 12.90 -2.19 2.82
C MET B 202 11.55 -2.45 2.16
N LEU B 203 11.31 -3.70 1.72
CA LEU B 203 10.08 -4.04 1.03
C LEU B 203 8.86 -3.78 1.88
N MET B 204 8.98 -3.90 3.19
CA MET B 204 7.84 -3.57 4.06
C MET B 204 7.54 -2.07 4.13
N THR B 205 8.31 -1.20 3.47
CA THR B 205 7.93 0.21 3.42
C THR B 205 7.02 0.53 2.25
N LEU B 206 6.91 -0.36 1.27
CA LEU B 206 6.14 -0.04 0.08
C LEU B 206 4.67 0.24 0.37
N PRO B 207 3.97 -0.47 1.27
CA PRO B 207 2.56 -0.17 1.53
C PRO B 207 2.31 1.27 1.90
N LEU B 208 3.15 1.85 2.77
CA LEU B 208 3.01 3.26 3.11
C LEU B 208 3.28 4.16 1.91
N LEU B 209 4.27 3.80 1.10
CA LEU B 209 4.53 4.50 -0.16
C LEU B 209 3.28 4.54 -1.03
N ARG B 210 2.63 3.39 -1.24
CA ARG B 210 1.38 3.38 -2.00
C ARG B 210 0.31 4.20 -1.28
N GLN B 211 0.13 3.94 0.02
CA GLN B 211 -0.79 4.74 0.82
C GLN B 211 -0.65 6.23 0.55
N THR B 212 0.57 6.74 0.61
CA THR B 212 0.77 8.17 0.44
C THR B 212 0.51 8.63 -0.99
N SER B 213 0.84 7.81 -1.99
CA SER B 213 0.52 8.15 -3.37
C SER B 213 -0.98 8.33 -3.54
N THR B 214 -1.77 7.40 -3.01
CA THR B 214 -3.21 7.50 -3.17
C THR B 214 -3.75 8.78 -2.51
N LYS B 215 -3.19 9.18 -1.36
CA LYS B 215 -3.59 10.46 -0.78
C LYS B 215 -3.31 11.61 -1.74
N ALA B 216 -2.08 11.67 -2.26
CA ALA B 216 -1.75 12.73 -3.20
C ALA B 216 -2.69 12.72 -4.40
N VAL B 217 -2.95 11.56 -4.99
CA VAL B 217 -3.80 11.58 -6.17
C VAL B 217 -5.20 12.08 -5.81
N GLN B 218 -5.74 11.63 -4.68
CA GLN B 218 -7.08 12.12 -4.34
C GLN B 218 -7.07 13.62 -4.13
N HIS B 219 -5.94 14.19 -3.73
CA HIS B 219 -5.95 15.63 -3.52
C HIS B 219 -6.22 16.39 -4.83
N PHE B 220 -5.89 15.80 -5.99
CA PHE B 220 -6.23 16.45 -7.25
C PHE B 220 -7.71 16.80 -7.30
N TYR B 221 -8.57 15.95 -6.73
CA TYR B 221 -10.00 16.18 -6.80
C TYR B 221 -10.43 17.33 -5.87
N ASN B 222 -9.78 17.51 -4.73
CA ASN B 222 -10.04 18.71 -3.95
C ASN B 222 -9.71 19.97 -4.75
N ILE B 223 -8.52 20.02 -5.35
CA ILE B 223 -8.12 21.21 -6.10
C ILE B 223 -9.06 21.45 -7.28
N LYS B 224 -9.44 20.38 -7.99
CA LYS B 224 -10.41 20.50 -9.08
C LYS B 224 -11.75 21.05 -8.61
N LEU B 225 -12.25 20.54 -7.48
CA LEU B 225 -13.55 20.98 -6.96
C LEU B 225 -13.50 22.41 -6.47
N GLU B 226 -12.41 22.80 -5.78
CA GLU B 226 -12.25 24.19 -5.37
C GLU B 226 -12.37 25.13 -6.57
N GLY B 227 -11.54 24.92 -7.59
CA GLY B 227 -11.65 25.66 -8.82
C GLY B 227 -10.73 26.85 -8.98
N LYS B 228 -9.81 27.09 -8.05
CA LYS B 228 -8.93 28.25 -8.15
C LYS B 228 -7.67 27.99 -8.97
N VAL B 229 -7.09 26.79 -8.89
CA VAL B 229 -5.80 26.51 -9.52
C VAL B 229 -6.02 26.09 -10.97
N PRO B 230 -5.28 26.66 -11.92
CA PRO B 230 -5.44 26.32 -13.34
C PRO B 230 -4.88 24.95 -13.66
N MET B 231 -5.72 24.08 -14.22
CA MET B 231 -5.33 22.73 -14.57
C MET B 231 -5.46 22.54 -16.08
N HIS B 232 -4.45 21.90 -16.66
CA HIS B 232 -4.49 21.60 -18.09
C HIS B 232 -5.75 20.81 -18.44
N LYS B 233 -6.43 21.22 -19.52
CA LYS B 233 -7.70 20.60 -19.87
C LYS B 233 -7.58 19.08 -20.04
N LEU B 234 -6.40 18.59 -20.45
CA LEU B 234 -6.24 17.16 -20.62
C LEU B 234 -6.14 16.45 -19.27
N PHE B 235 -5.45 17.07 -18.31
CA PHE B 235 -5.47 16.55 -16.96
C PHE B 235 -6.89 16.56 -16.38
N LEU B 236 -7.62 17.65 -16.59
CA LEU B 236 -9.02 17.71 -16.18
C LEU B 236 -9.81 16.56 -16.76
N GLU B 237 -9.59 16.25 -18.04
CA GLU B 237 -10.28 15.13 -18.67
C GLU B 237 -9.87 13.80 -18.04
N MET B 238 -8.56 13.60 -17.83
CA MET B 238 -8.10 12.37 -17.17
C MET B 238 -8.74 12.20 -15.80
N LEU B 239 -8.86 13.29 -15.04
CA LEU B 239 -9.42 13.19 -13.70
C LEU B 239 -10.91 12.82 -13.74
N GLU B 240 -11.69 13.51 -14.59
CA GLU B 240 -13.11 13.20 -14.71
C GLU B 240 -13.36 11.73 -15.09
N ALA B 241 -12.45 11.12 -15.86
CA ALA B 241 -12.65 9.76 -16.33
C ALA B 241 -12.84 8.76 -15.19
N LYS B 242 -11.96 8.79 -14.18
CA LYS B 242 -11.96 7.75 -13.13
C LYS B 242 -13.25 7.74 -12.30
#